data_5B5F
#
_entry.id   5B5F
#
_cell.length_a   57.985
_cell.length_b   84.621
_cell.length_c   46.336
_cell.angle_alpha   90.00
_cell.angle_beta   99.00
_cell.angle_gamma   90.00
#
_symmetry.space_group_name_H-M   'P 1 21 1'
#
loop_
_entity.id
_entity.type
_entity.pdbx_description
1 polymer Streptavidin
2 non-polymer N-methyl-3-(4-oxo-4,5-dihydrofuro[3,2-c]pyridin-2-yl)benzenesulfonamide
3 water water
#
_entity_poly.entity_id   1
_entity_poly.type   'polypeptide(L)'
_entity_poly.pdbx_seq_one_letter_code
;GITGTWYNQLGSTFIVTAGADGALTGTYESAVGNAESRYVLTGRYDSAPATDGSGTALGWTVAWKNNYRNAHSATTWSGQ
YVGGAEARINTQWLLTSGTTEANAWKSTLVGHDTFTKVKP
;
_entity_poly.pdbx_strand_id   A,B,C,D
#
# COMPACT_ATOMS: atom_id res chain seq x y z
N GLY A 1 -4.54 -11.83 25.19
CA GLY A 1 -4.54 -10.39 24.81
C GLY A 1 -3.33 -9.87 24.06
N ILE A 2 -3.36 -8.56 23.79
CA ILE A 2 -2.27 -7.92 23.06
C ILE A 2 -0.95 -7.78 23.85
N THR A 3 -1.01 -7.41 25.13
CA THR A 3 0.17 -7.25 25.91
C THR A 3 1.00 -8.55 25.87
N GLY A 4 2.25 -8.43 25.61
CA GLY A 4 3.15 -9.54 25.53
C GLY A 4 4.34 -9.34 24.65
N THR A 5 5.12 -10.39 24.42
CA THR A 5 6.23 -10.45 23.50
C THR A 5 5.87 -11.25 22.27
N TRP A 6 5.96 -10.60 21.11
CA TRP A 6 5.58 -11.16 19.84
C TRP A 6 6.72 -11.18 18.91
N TYR A 7 6.69 -12.08 17.90
CA TYR A 7 7.72 -12.16 16.91
C TYR A 7 7.10 -12.25 15.54
N ASN A 8 7.66 -11.58 14.55
CA ASN A 8 7.17 -11.72 13.20
C ASN A 8 7.88 -12.85 12.46
N GLN A 9 7.52 -12.98 11.19
CA GLN A 9 8.06 -14.11 10.37
C GLN A 9 9.52 -13.94 10.06
N LEU A 10 10.09 -12.74 10.23
CA LEU A 10 11.49 -12.46 9.99
C LEU A 10 12.32 -12.66 11.30
N GLY A 11 11.63 -12.89 12.43
CA GLY A 11 12.28 -13.00 13.75
C GLY A 11 12.48 -11.64 14.46
N SER A 12 11.81 -10.59 13.98
CA SER A 12 11.81 -9.35 14.78
C SER A 12 11.02 -9.52 16.05
N THR A 13 11.42 -8.75 17.12
CA THR A 13 10.78 -8.89 18.45
C THR A 13 10.02 -7.64 18.80
N PHE A 14 8.75 -7.80 19.07
CA PHE A 14 7.77 -6.75 19.37
C PHE A 14 7.29 -6.95 20.81
N ILE A 15 7.77 -6.08 21.72
CA ILE A 15 7.45 -6.16 23.15
C ILE A 15 6.48 -5.04 23.42
N VAL A 16 5.24 -5.39 23.71
CA VAL A 16 4.19 -4.36 23.77
C VAL A 16 3.34 -4.48 25.00
N THR A 17 2.85 -3.35 25.48
CA THR A 17 1.91 -3.27 26.56
C THR A 17 0.71 -2.53 26.04
N ALA A 18 -0.49 -3.09 26.22
CA ALA A 18 -1.73 -2.48 25.85
C ALA A 18 -2.39 -1.86 27.06
N GLY A 19 -2.43 -0.54 27.13
CA GLY A 19 -2.96 0.18 28.28
C GLY A 19 -4.46 0.22 28.24
N ALA A 20 -5.04 0.42 29.40
CA ALA A 20 -6.46 0.36 29.49
C ALA A 20 -7.12 1.54 28.70
N ASP A 21 -6.36 2.62 28.49
CA ASP A 21 -6.73 3.80 27.72
C ASP A 21 -6.56 3.71 26.19
N GLY A 22 -6.16 2.55 25.66
CA GLY A 22 -6.02 2.43 24.20
C GLY A 22 -4.57 2.61 23.72
N ALA A 23 -3.61 2.82 24.61
CA ALA A 23 -2.26 3.09 24.28
C ALA A 23 -1.54 1.77 24.03
N LEU A 24 -0.67 1.76 23.03
CA LEU A 24 0.37 0.76 22.89
C LEU A 24 1.73 1.42 23.15
N THR A 25 2.52 0.79 24.02
N THR A 25 2.53 0.74 23.97
CA THR A 25 3.88 1.20 24.26
CA THR A 25 3.83 1.21 24.35
C THR A 25 4.78 0.01 24.33
C THR A 25 4.78 0.02 24.38
N GLY A 26 6.04 0.22 24.07
CA GLY A 26 7.02 -0.86 24.18
C GLY A 26 8.25 -0.69 23.34
N THR A 27 8.87 -1.79 22.92
CA THR A 27 10.07 -1.74 22.15
C THR A 27 9.98 -2.72 20.97
N TYR A 28 10.76 -2.39 19.93
CA TYR A 28 10.82 -3.21 18.75
C TYR A 28 12.26 -3.46 18.39
N GLU A 29 12.60 -4.72 18.09
CA GLU A 29 13.94 -5.07 17.67
C GLU A 29 13.83 -5.78 16.35
N SER A 30 14.43 -5.19 15.33
CA SER A 30 14.33 -5.76 13.98
C SER A 30 15.39 -6.78 13.74
N ALA A 31 14.98 -7.86 13.05
CA ALA A 31 15.91 -8.86 12.54
C ALA A 31 16.50 -8.49 11.20
N VAL A 32 16.00 -7.43 10.59
CA VAL A 32 16.47 -7.01 9.28
C VAL A 32 16.71 -5.50 9.19
N GLY A 33 17.44 -5.10 8.13
CA GLY A 33 17.55 -3.71 7.77
C GLY A 33 18.62 -3.01 8.61
N ASN A 34 18.67 -1.69 8.46
CA ASN A 34 19.62 -0.84 9.19
C ASN A 34 19.19 -0.56 10.60
N ALA A 35 19.46 -1.53 11.50
CA ALA A 35 18.80 -1.59 12.79
C ALA A 35 19.62 -2.43 13.76
N GLU A 36 19.76 -1.96 14.99
CA GLU A 36 20.53 -2.64 16.05
C GLU A 36 19.78 -2.41 17.35
N SER A 37 19.58 -3.46 18.15
CA SER A 37 19.04 -3.37 19.49
C SER A 37 17.60 -2.83 19.41
N ARG A 38 17.09 -2.30 20.49
CA ARG A 38 15.67 -1.93 20.64
C ARG A 38 15.38 -0.51 20.28
N TYR A 39 14.18 -0.32 19.75
CA TYR A 39 13.71 1.03 19.37
C TYR A 39 12.39 1.22 20.07
N VAL A 40 12.15 2.49 20.45
CA VAL A 40 10.86 2.83 21.08
C VAL A 40 9.69 2.68 20.08
N LEU A 41 8.57 2.16 20.51
CA LEU A 41 7.34 2.23 19.74
C LEU A 41 6.21 2.86 20.56
N THR A 42 5.28 3.48 19.86
N THR A 42 5.30 3.53 19.88
CA THR A 42 4.04 3.88 20.45
CA THR A 42 4.03 3.89 20.45
C THR A 42 2.96 3.64 19.41
C THR A 42 2.95 3.64 19.40
N GLY A 43 1.72 3.42 19.86
CA GLY A 43 0.60 3.25 18.99
C GLY A 43 -0.69 3.24 19.74
N ARG A 44 -1.73 2.75 19.09
CA ARG A 44 -3.08 2.75 19.62
C ARG A 44 -3.78 1.47 19.26
N TYR A 45 -4.75 1.07 20.09
CA TYR A 45 -5.58 -0.13 19.77
C TYR A 45 -7.00 0.17 20.18
N ASP A 46 -7.93 -0.58 19.61
CA ASP A 46 -9.33 -0.50 20.01
C ASP A 46 -9.50 -1.24 21.33
N SER A 47 -9.77 -0.46 22.38
CA SER A 47 -9.89 -1.08 23.72
C SER A 47 -11.28 -1.64 24.02
N ALA A 48 -12.21 -1.48 23.08
CA ALA A 48 -13.54 -2.09 23.17
C ALA A 48 -13.96 -2.69 21.82
N PRO A 49 -13.26 -3.77 21.42
CA PRO A 49 -13.55 -4.35 20.11
C PRO A 49 -15.01 -4.83 19.95
N ALA A 50 -15.45 -4.97 18.71
CA ALA A 50 -16.73 -5.62 18.46
C ALA A 50 -16.72 -7.00 19.06
N THR A 51 -17.94 -7.45 19.40
CA THR A 51 -18.16 -8.70 20.04
C THR A 51 -18.74 -9.75 19.07
N ASP A 52 -18.63 -9.50 17.78
CA ASP A 52 -19.21 -10.30 16.71
C ASP A 52 -18.22 -11.26 16.05
N GLY A 53 -17.08 -11.50 16.67
CA GLY A 53 -16.07 -12.34 16.10
C GLY A 53 -14.95 -11.63 15.35
N SER A 54 -15.08 -10.33 15.15
CA SER A 54 -14.01 -9.57 14.53
C SER A 54 -12.72 -9.44 15.39
N GLY A 55 -11.58 -9.23 14.71
CA GLY A 55 -10.33 -8.91 15.34
C GLY A 55 -10.33 -7.49 15.93
N THR A 56 -9.25 -7.22 16.67
CA THR A 56 -9.04 -5.94 17.36
C THR A 56 -8.05 -5.07 16.54
N ALA A 57 -8.56 -3.98 16.05
CA ALA A 57 -7.73 -3.09 15.25
C ALA A 57 -6.68 -2.36 16.07
N LEU A 58 -5.53 -2.17 15.46
CA LEU A 58 -4.39 -1.51 16.13
C LEU A 58 -3.39 -1.01 15.10
N GLY A 59 -2.54 -0.15 15.60
CA GLY A 59 -1.42 0.31 14.83
C GLY A 59 -0.30 0.84 15.71
N TRP A 60 0.91 0.79 15.22
CA TRP A 60 2.03 1.41 15.94
C TRP A 60 3.10 1.90 15.02
N THR A 61 3.99 2.76 15.54
CA THR A 61 5.06 3.38 14.76
C THR A 61 6.37 3.14 15.49
N VAL A 62 7.42 2.89 14.72
CA VAL A 62 8.82 2.92 15.17
C VAL A 62 9.56 3.87 14.28
N ALA A 63 10.21 4.90 14.86
CA ALA A 63 11.20 5.69 14.09
C ALA A 63 12.56 4.99 14.36
N TRP A 64 13.31 4.72 13.31
CA TRP A 64 14.49 3.85 13.41
C TRP A 64 15.78 4.61 13.85
N LYS A 65 15.57 5.38 14.91
CA LYS A 65 16.63 6.10 15.64
C LYS A 65 16.66 5.57 17.06
N ASN A 66 17.87 5.17 17.51
CA ASN A 66 18.05 4.85 18.97
C ASN A 66 19.41 5.39 19.34
N ASN A 67 19.97 4.95 20.45
CA ASN A 67 21.26 5.48 20.91
C ASN A 67 22.42 4.93 20.08
N TYR A 68 22.15 3.90 19.27
CA TYR A 68 23.19 3.17 18.51
C TYR A 68 23.25 3.54 17.02
N ARG A 69 22.08 3.72 16.40
CA ARG A 69 22.00 3.89 14.97
C ARG A 69 20.77 4.82 14.62
N ASN A 70 20.86 5.44 13.43
CA ASN A 70 19.75 6.20 12.90
C ASN A 70 19.60 6.01 11.43
N ALA A 71 18.57 5.27 11.01
CA ALA A 71 18.32 4.98 9.59
C ALA A 71 17.49 6.07 8.91
N HIS A 72 17.13 7.15 9.62
CA HIS A 72 16.33 8.22 9.04
C HIS A 72 15.10 7.74 8.34
N SER A 73 14.30 6.98 9.09
CA SER A 73 13.16 6.27 8.49
C SER A 73 12.22 5.95 9.62
N ALA A 74 10.97 5.58 9.26
CA ALA A 74 9.99 5.17 10.23
C ALA A 74 9.08 4.15 9.58
N THR A 75 8.72 3.13 10.36
CA THR A 75 7.71 2.15 9.93
C THR A 75 6.44 2.30 10.76
N THR A 76 5.29 2.25 10.10
CA THR A 76 4.04 2.06 10.74
C THR A 76 3.43 0.73 10.37
N TRP A 77 2.96 -0.01 11.38
CA TRP A 77 2.19 -1.25 11.20
C TRP A 77 0.78 -0.97 11.50
N SER A 78 -0.13 -1.37 10.59
CA SER A 78 -1.56 -1.22 10.73
C SER A 78 -2.14 -2.63 10.63
N GLY A 79 -2.98 -3.03 11.61
CA GLY A 79 -3.44 -4.43 11.57
C GLY A 79 -4.53 -4.76 12.56
N GLN A 80 -4.62 -6.05 12.86
CA GLN A 80 -5.57 -6.50 13.86
C GLN A 80 -5.05 -7.72 14.56
N TYR A 81 -5.40 -7.72 15.86
CA TYR A 81 -5.15 -8.87 16.72
C TYR A 81 -6.30 -9.83 16.60
N VAL A 82 -5.95 -11.11 16.42
CA VAL A 82 -6.92 -12.21 16.23
C VAL A 82 -6.65 -13.28 17.32
N GLY A 83 -7.58 -13.31 18.27
CA GLY A 83 -7.50 -14.29 19.37
C GLY A 83 -7.64 -15.72 18.90
N GLY A 84 -7.08 -16.62 19.70
CA GLY A 84 -7.24 -18.06 19.40
C GLY A 84 -6.20 -18.84 20.14
N ALA A 85 -6.17 -20.16 19.95
CA ALA A 85 -5.15 -20.93 20.55
C ALA A 85 -3.83 -20.60 20.01
N GLU A 86 -3.78 -19.99 18.80
CA GLU A 86 -2.52 -19.53 18.26
C GLU A 86 -2.77 -18.08 17.97
N ALA A 87 -2.67 -17.26 19.02
CA ALA A 87 -2.96 -15.84 18.86
C ALA A 87 -2.01 -15.20 17.82
N ARG A 88 -2.55 -14.25 17.09
CA ARG A 88 -1.74 -13.65 15.98
C ARG A 88 -2.11 -12.17 15.85
N ILE A 89 -1.15 -11.37 15.41
CA ILE A 89 -1.44 -9.99 15.00
C ILE A 89 -1.01 -9.91 13.49
N ASN A 90 -2.01 -9.67 12.66
CA ASN A 90 -1.75 -9.60 11.21
C ASN A 90 -1.69 -8.14 10.80
N THR A 91 -0.61 -7.76 10.14
CA THR A 91 -0.41 -6.33 9.77
C THR A 91 -0.01 -6.17 8.32
N GLN A 92 -0.14 -4.94 7.89
N GLN A 92 -0.23 -4.92 7.90
CA GLN A 92 0.57 -4.45 6.76
CA GLN A 92 0.32 -4.28 6.71
C GLN A 92 1.32 -3.22 7.27
C GLN A 92 1.20 -3.08 7.19
N TRP A 93 2.36 -2.86 6.56
CA TRP A 93 3.27 -1.79 7.06
C TRP A 93 3.73 -0.92 5.92
N LEU A 94 4.09 0.32 6.31
CA LEU A 94 4.66 1.33 5.43
C LEU A 94 5.96 1.82 6.06
N LEU A 95 7.09 1.72 5.37
CA LEU A 95 8.35 2.19 5.85
C LEU A 95 8.78 3.35 4.99
N THR A 96 8.70 4.60 5.55
CA THR A 96 9.07 5.75 4.84
C THR A 96 10.46 6.26 5.30
N SER A 97 11.35 6.46 4.34
CA SER A 97 12.65 7.05 4.59
C SER A 97 12.61 8.53 4.29
N GLY A 98 13.33 9.34 5.06
CA GLY A 98 13.54 10.70 4.66
C GLY A 98 14.32 10.78 3.37
N THR A 99 13.85 11.57 2.44
CA THR A 99 14.48 11.67 1.12
C THR A 99 14.53 13.12 0.71
N THR A 100 15.31 13.35 -0.35
CA THR A 100 15.14 14.59 -1.07
C THR A 100 13.83 14.55 -1.82
N GLU A 101 13.37 15.71 -2.31
N GLU A 101 13.36 15.70 -2.32
CA GLU A 101 12.17 15.75 -3.09
CA GLU A 101 12.13 15.70 -3.10
C GLU A 101 12.28 14.89 -4.36
C GLU A 101 12.27 14.86 -4.37
N ALA A 102 13.41 14.96 -5.03
CA ALA A 102 13.66 14.15 -6.22
C ALA A 102 13.57 12.69 -6.01
N ASN A 103 13.88 12.24 -4.79
CA ASN A 103 13.82 10.80 -4.46
C ASN A 103 12.54 10.40 -3.73
N ALA A 104 11.59 11.34 -3.58
CA ALA A 104 10.44 11.06 -2.74
C ALA A 104 9.57 9.96 -3.34
N TRP A 105 9.58 9.77 -4.65
CA TRP A 105 8.70 8.80 -5.27
C TRP A 105 9.12 7.42 -4.76
N LYS A 106 10.37 7.20 -4.38
CA LYS A 106 10.86 5.98 -3.85
C LYS A 106 11.12 5.95 -2.34
N SER A 107 10.43 6.79 -1.61
CA SER A 107 10.61 6.87 -0.22
C SER A 107 9.97 5.80 0.61
N THR A 108 8.98 5.06 0.06
CA THR A 108 8.14 4.25 0.91
C THR A 108 8.06 2.78 0.48
N LEU A 109 8.51 1.89 1.32
CA LEU A 109 8.35 0.45 1.16
C LEU A 109 7.03 0.00 1.82
N VAL A 110 6.44 -1.06 1.27
CA VAL A 110 5.22 -1.62 1.82
C VAL A 110 5.40 -3.13 1.98
N GLY A 111 4.85 -3.70 3.02
CA GLY A 111 4.89 -5.14 3.21
C GLY A 111 3.85 -5.58 4.21
N HIS A 112 3.96 -6.86 4.60
CA HIS A 112 2.98 -7.45 5.55
C HIS A 112 3.76 -8.30 6.48
N ASP A 113 3.48 -8.12 7.78
CA ASP A 113 4.11 -8.91 8.87
C ASP A 113 3.02 -9.59 9.70
N THR A 114 3.26 -10.88 10.01
CA THR A 114 2.38 -11.58 10.93
C THR A 114 3.20 -11.92 12.17
N PHE A 115 2.55 -11.60 13.33
CA PHE A 115 3.21 -11.79 14.62
C PHE A 115 2.51 -12.88 15.42
N THR A 116 3.31 -13.73 16.07
CA THR A 116 2.80 -14.70 17.04
C THR A 116 3.68 -14.63 18.28
N LYS A 117 3.31 -15.42 19.31
CA LYS A 117 4.16 -15.54 20.52
C LYS A 117 5.38 -16.39 20.42
N VAL A 118 5.65 -17.03 19.28
CA VAL A 118 6.86 -17.87 19.09
C VAL A 118 7.78 -17.35 17.98
N LYS A 119 9.09 -17.57 18.10
CA LYS A 119 10.00 -17.28 17.02
C LYS A 119 9.85 -18.31 15.94
N PRO A 120 10.29 -17.93 14.72
CA PRO A 120 10.34 -18.81 13.55
C PRO A 120 10.97 -20.17 13.76
N GLY B 1 8.88 -21.18 -16.04
CA GLY B 1 8.18 -21.67 -14.81
C GLY B 1 6.87 -20.96 -14.42
N ILE B 2 6.58 -19.83 -15.08
CA ILE B 2 5.38 -19.07 -14.70
C ILE B 2 4.10 -19.63 -15.38
N THR B 3 4.20 -20.01 -16.64
CA THR B 3 3.06 -20.54 -17.34
C THR B 3 2.44 -21.70 -16.62
N GLY B 4 1.12 -21.67 -16.43
CA GLY B 4 0.40 -22.72 -15.78
C GLY B 4 -0.72 -22.24 -14.88
N THR B 5 -1.17 -23.14 -14.05
CA THR B 5 -2.29 -22.91 -13.15
C THR B 5 -1.70 -22.73 -11.73
N TRP B 6 -2.13 -21.65 -11.08
CA TRP B 6 -1.69 -21.31 -9.72
C TRP B 6 -2.88 -21.15 -8.85
N TYR B 7 -2.69 -21.35 -7.55
CA TYR B 7 -3.72 -21.34 -6.58
C TYR B 7 -3.31 -20.45 -5.40
N ASN B 8 -4.20 -19.57 -4.97
CA ASN B 8 -3.82 -18.68 -3.85
C ASN B 8 -4.25 -19.33 -2.60
N GLN B 9 -4.03 -18.57 -1.50
CA GLN B 9 -4.28 -19.05 -0.16
C GLN B 9 -5.77 -19.16 0.20
N LEU B 10 -6.69 -18.65 -0.64
CA LEU B 10 -8.10 -18.53 -0.36
C LEU B 10 -8.98 -19.24 -1.36
N GLY B 11 -8.39 -20.07 -2.22
CA GLY B 11 -9.17 -20.90 -3.15
C GLY B 11 -9.39 -20.29 -4.55
N SER B 12 -8.84 -19.14 -4.82
CA SER B 12 -8.89 -18.67 -6.19
C SER B 12 -7.85 -19.38 -7.06
N THR B 13 -8.05 -19.34 -8.36
CA THR B 13 -7.23 -20.02 -9.37
C THR B 13 -6.86 -19.01 -10.45
N PHE B 14 -5.58 -18.94 -10.74
CA PHE B 14 -4.86 -17.90 -11.59
C PHE B 14 -4.29 -18.83 -12.72
N ILE B 15 -4.83 -18.72 -13.92
CA ILE B 15 -4.48 -19.50 -15.06
C ILE B 15 -3.71 -18.61 -16.08
N VAL B 16 -2.39 -18.76 -16.25
CA VAL B 16 -1.61 -17.77 -16.95
C VAL B 16 -0.68 -18.37 -17.99
N THR B 17 -0.47 -17.65 -19.07
CA THR B 17 0.56 -17.93 -20.03
C THR B 17 1.56 -16.77 -19.99
N ALA B 18 2.84 -17.09 -19.82
CA ALA B 18 3.91 -16.15 -19.85
C ALA B 18 4.54 -16.20 -21.25
N GLY B 19 4.28 -15.19 -22.05
CA GLY B 19 4.73 -15.12 -23.47
C GLY B 19 6.16 -14.73 -23.59
N ALA B 20 6.74 -15.10 -24.72
CA ALA B 20 8.15 -14.76 -24.95
C ALA B 20 8.45 -13.25 -25.03
N ASP B 21 7.41 -12.49 -25.31
CA ASP B 21 7.45 -11.02 -25.39
C ASP B 21 7.27 -10.32 -24.04
N GLY B 22 7.18 -11.06 -22.92
CA GLY B 22 6.98 -10.46 -21.59
C GLY B 22 5.54 -10.30 -21.23
N ALA B 23 4.61 -10.78 -22.03
CA ALA B 23 3.20 -10.69 -21.73
C ALA B 23 2.72 -11.76 -20.75
N LEU B 24 1.80 -11.41 -19.86
CA LEU B 24 1.01 -12.33 -19.11
C LEU B 24 -0.41 -12.26 -19.61
N THR B 25 -1.01 -13.41 -19.92
CA THR B 25 -2.37 -13.46 -20.36
C THR B 25 -3.04 -14.61 -19.67
N GLY B 26 -4.32 -14.59 -19.45
CA GLY B 26 -5.03 -15.71 -18.85
C GLY B 26 -6.33 -15.32 -18.22
N THR B 27 -6.70 -16.14 -17.23
CA THR B 27 -7.96 -16.01 -16.55
C THR B 27 -7.81 -16.19 -15.04
N TYR B 28 -8.63 -15.47 -14.29
CA TYR B 28 -8.66 -15.54 -12.88
C TYR B 28 -10.03 -16.01 -12.48
N GLU B 29 -10.13 -17.00 -11.64
CA GLU B 29 -11.41 -17.59 -11.26
C GLU B 29 -11.43 -17.51 -9.76
N SER B 30 -12.44 -16.73 -9.32
CA SER B 30 -12.45 -16.27 -7.97
C SER B 30 -13.12 -17.38 -7.21
N ALA B 31 -13.12 -18.57 -7.79
CA ALA B 31 -14.05 -19.61 -7.42
C ALA B 31 -13.57 -20.96 -7.90
N VAL B 32 -14.29 -22.00 -7.52
CA VAL B 32 -14.14 -23.26 -8.21
C VAL B 32 -15.55 -23.63 -8.64
N GLY B 33 -15.80 -23.68 -9.94
CA GLY B 33 -14.95 -23.12 -10.99
C GLY B 33 -15.82 -22.58 -12.14
N ASN B 34 -16.90 -21.88 -11.78
CA ASN B 34 -17.94 -21.54 -12.72
C ASN B 34 -17.63 -20.35 -13.58
N ALA B 35 -18.27 -20.32 -14.74
CA ALA B 35 -18.08 -19.26 -15.74
C ALA B 35 -18.36 -17.84 -15.23
N GLU B 36 -19.34 -17.75 -14.33
CA GLU B 36 -19.73 -16.47 -13.77
C GLU B 36 -18.61 -15.88 -12.88
N SER B 37 -17.72 -16.75 -12.39
N SER B 37 -17.70 -16.73 -12.41
CA SER B 37 -16.61 -16.36 -11.54
CA SER B 37 -16.61 -16.29 -11.55
C SER B 37 -15.30 -16.19 -12.29
C SER B 37 -15.29 -16.15 -12.29
N ARG B 38 -15.27 -16.31 -13.63
N ARG B 38 -15.28 -16.19 -13.61
CA ARG B 38 -14.02 -16.21 -14.42
CA ARG B 38 -14.03 -16.18 -14.34
C ARG B 38 -13.86 -14.82 -15.05
C ARG B 38 -13.85 -14.83 -15.05
N TYR B 39 -12.64 -14.28 -14.94
CA TYR B 39 -12.36 -12.94 -15.46
C TYR B 39 -11.06 -12.91 -16.25
N VAL B 40 -10.95 -12.08 -17.27
CA VAL B 40 -9.72 -11.90 -18.01
C VAL B 40 -8.64 -11.27 -17.16
N LEU B 41 -7.40 -11.70 -17.32
CA LEU B 41 -6.28 -10.97 -16.77
C LEU B 41 -5.25 -10.70 -17.83
N THR B 42 -4.50 -9.60 -17.69
N THR B 42 -4.52 -9.59 -17.69
CA THR B 42 -3.35 -9.30 -18.51
CA THR B 42 -3.38 -9.28 -18.52
C THR B 42 -2.33 -8.63 -17.64
C THR B 42 -2.34 -8.60 -17.65
N GLY B 43 -1.08 -8.80 -18.01
CA GLY B 43 0.02 -8.13 -17.31
C GLY B 43 1.33 -8.37 -17.99
N ARG B 44 2.42 -8.15 -17.27
CA ARG B 44 3.78 -8.16 -17.79
C ARG B 44 4.68 -8.82 -16.80
N TYR B 45 5.79 -9.42 -17.29
CA TYR B 45 6.78 -10.00 -16.41
C TYR B 45 8.14 -9.73 -17.02
N ASP B 46 9.18 -9.86 -16.22
CA ASP B 46 10.58 -9.81 -16.66
C ASP B 46 10.92 -11.09 -17.41
N SER B 47 11.04 -10.96 -18.75
CA SER B 47 11.29 -12.13 -19.56
C SER B 47 12.77 -12.54 -19.55
N ALA B 48 13.65 -11.76 -18.95
CA ALA B 48 15.04 -12.07 -18.82
C ALA B 48 15.54 -11.83 -17.41
N PRO B 49 14.98 -12.56 -16.44
CA PRO B 49 15.36 -12.37 -15.03
C PRO B 49 16.83 -12.71 -14.76
N ALA B 50 17.28 -12.28 -13.62
CA ALA B 50 18.61 -12.71 -13.15
C ALA B 50 18.57 -14.17 -12.79
N THR B 51 19.73 -14.84 -12.90
CA THR B 51 19.88 -16.20 -12.42
C THR B 51 20.86 -16.18 -11.27
N ASP B 52 20.51 -15.40 -10.27
CA ASP B 52 21.34 -15.17 -9.05
C ASP B 52 20.58 -15.48 -7.76
N GLY B 53 19.47 -16.19 -7.86
CA GLY B 53 18.60 -16.52 -6.74
C GLY B 53 17.45 -15.51 -6.49
N SER B 54 17.47 -14.40 -7.23
CA SER B 54 16.43 -13.35 -7.13
C SER B 54 15.16 -13.85 -7.85
N GLY B 55 13.99 -13.40 -7.38
CA GLY B 55 12.75 -13.69 -8.07
C GLY B 55 12.61 -12.96 -9.36
N THR B 56 11.54 -13.34 -10.08
CA THR B 56 11.24 -12.77 -11.40
C THR B 56 10.10 -11.79 -11.18
N ALA B 57 10.35 -10.50 -11.40
CA ALA B 57 9.32 -9.49 -11.20
C ALA B 57 8.16 -9.62 -12.18
N LEU B 58 6.95 -9.24 -11.74
N LEU B 58 6.92 -9.54 -11.67
CA LEU B 58 5.78 -9.39 -12.53
CA LEU B 58 5.74 -9.51 -12.50
C LEU B 58 4.61 -8.65 -11.93
C LEU B 58 4.64 -8.58 -11.97
N GLY B 59 3.61 -8.45 -12.78
CA GLY B 59 2.33 -7.85 -12.32
C GLY B 59 1.24 -8.16 -13.25
N TRP B 60 0.01 -8.12 -12.78
CA TRP B 60 -1.13 -8.28 -13.64
C TRP B 60 -2.35 -7.59 -13.02
N THR B 61 -3.36 -7.39 -13.91
CA THR B 61 -4.62 -6.73 -13.60
C THR B 61 -5.79 -7.62 -13.95
N VAL B 62 -6.78 -7.64 -13.07
CA VAL B 62 -8.12 -8.09 -13.38
C VAL B 62 -9.09 -6.93 -13.17
N ALA B 63 -9.86 -6.59 -14.17
CA ALA B 63 -11.07 -5.76 -13.97
C ALA B 63 -12.22 -6.69 -13.72
N TRP B 64 -12.99 -6.45 -12.66
CA TRP B 64 -13.93 -7.42 -12.18
C TRP B 64 -15.30 -7.31 -12.90
N LYS B 65 -15.22 -7.32 -14.24
CA LYS B 65 -16.35 -7.39 -15.16
C LYS B 65 -16.14 -8.58 -16.05
N ASN B 66 -17.20 -9.37 -16.19
CA ASN B 66 -17.27 -10.40 -17.21
C ASN B 66 -18.65 -10.32 -17.83
N ASN B 67 -19.10 -11.34 -18.56
CA ASN B 67 -20.38 -11.26 -19.24
C ASN B 67 -21.57 -11.39 -18.31
N TYR B 68 -21.32 -11.81 -17.06
CA TYR B 68 -22.32 -12.08 -16.05
C TYR B 68 -22.46 -11.04 -14.94
N ARG B 69 -21.36 -10.38 -14.60
CA ARG B 69 -21.25 -9.66 -13.36
C ARG B 69 -20.34 -8.47 -13.57
N ASN B 70 -20.46 -7.43 -12.72
CA ASN B 70 -19.52 -6.32 -12.79
C ASN B 70 -19.52 -5.63 -11.44
N ALA B 71 -18.39 -5.69 -10.74
CA ALA B 71 -18.18 -5.10 -9.43
C ALA B 71 -17.65 -3.67 -9.56
N HIS B 72 -17.43 -3.16 -10.76
CA HIS B 72 -16.94 -1.79 -10.96
C HIS B 72 -15.68 -1.58 -10.15
N SER B 73 -14.69 -2.45 -10.36
CA SER B 73 -13.47 -2.45 -9.60
C SER B 73 -12.41 -3.21 -10.36
N ALA B 74 -11.18 -3.03 -9.92
CA ALA B 74 -10.05 -3.76 -10.57
C ALA B 74 -8.99 -4.01 -9.52
N THR B 75 -8.35 -5.18 -9.59
CA THR B 75 -7.22 -5.49 -8.77
C THR B 75 -5.96 -5.55 -9.59
N THR B 76 -4.89 -4.99 -9.07
CA THR B 76 -3.59 -5.27 -9.59
C THR B 76 -2.74 -6.03 -8.58
N TRP B 77 -2.05 -7.07 -9.02
CA TRP B 77 -1.08 -7.81 -8.23
C TRP B 77 0.30 -7.46 -8.71
N SER B 78 1.19 -7.10 -7.77
CA SER B 78 2.59 -6.80 -8.03
C SER B 78 3.40 -7.74 -7.22
N GLY B 79 4.38 -8.45 -7.83
CA GLY B 79 5.14 -9.38 -7.05
C GLY B 79 6.28 -10.01 -7.76
N GLN B 80 6.64 -11.20 -7.27
CA GLN B 80 7.77 -11.92 -7.90
C GLN B 80 7.47 -13.41 -7.86
N TYR B 81 7.85 -14.06 -8.96
CA TYR B 81 7.90 -15.52 -9.05
C TYR B 81 9.21 -16.05 -8.48
N VAL B 82 9.09 -17.11 -7.69
CA VAL B 82 10.25 -17.73 -7.07
C VAL B 82 10.14 -19.20 -7.54
N GLY B 83 11.15 -19.70 -8.22
CA GLY B 83 11.04 -21.03 -8.81
C GLY B 83 11.61 -22.04 -7.88
N GLY B 84 11.69 -23.27 -8.37
CA GLY B 84 12.23 -24.39 -7.61
C GLY B 84 11.14 -25.37 -7.29
N ALA B 85 11.52 -26.29 -6.44
CA ALA B 85 10.65 -27.44 -6.17
C ALA B 85 9.38 -27.00 -5.52
N GLU B 86 9.47 -25.88 -4.78
CA GLU B 86 8.33 -25.28 -4.13
C GLU B 86 8.06 -23.87 -4.62
N ALA B 87 7.71 -23.84 -5.87
CA ALA B 87 7.58 -22.58 -6.55
C ALA B 87 6.45 -21.72 -5.98
N ARG B 88 6.59 -20.41 -6.01
CA ARG B 88 5.57 -19.49 -5.48
C ARG B 88 5.55 -18.27 -6.33
N ILE B 89 4.37 -17.61 -6.32
CA ILE B 89 4.29 -16.22 -6.78
C ILE B 89 3.82 -15.44 -5.53
N ASN B 90 4.69 -14.56 -5.05
CA ASN B 90 4.41 -13.77 -3.87
C ASN B 90 4.04 -12.36 -4.26
N THR B 91 2.84 -11.93 -3.87
CA THR B 91 2.29 -10.65 -4.38
C THR B 91 1.77 -9.79 -3.26
N GLN B 92 1.71 -8.53 -3.58
CA GLN B 92 0.88 -7.56 -2.88
C GLN B 92 -0.09 -7.01 -3.91
N TRP B 93 -1.28 -6.60 -3.50
CA TRP B 93 -2.30 -6.18 -4.41
C TRP B 93 -2.99 -4.90 -3.98
N LEU B 94 -3.56 -4.23 -4.96
CA LEU B 94 -4.37 -3.01 -4.75
C LEU B 94 -5.69 -3.26 -5.46
N LEU B 95 -6.83 -3.11 -4.80
CA LEU B 95 -8.14 -3.24 -5.41
C LEU B 95 -8.84 -1.90 -5.37
N THR B 96 -8.93 -1.26 -6.49
CA THR B 96 -9.63 0.05 -6.59
C THR B 96 -11.05 -0.16 -7.09
N SER B 97 -12.03 0.39 -6.36
CA SER B 97 -13.38 0.52 -6.83
C SER B 97 -13.67 1.88 -7.44
N GLY B 98 -14.48 1.93 -8.47
CA GLY B 98 -14.96 3.23 -8.96
C GLY B 98 -15.85 3.85 -7.87
N THR B 99 -15.51 5.10 -7.55
CA THR B 99 -16.26 5.84 -6.52
C THR B 99 -16.58 7.22 -7.05
N THR B 100 -17.42 7.90 -6.27
CA THR B 100 -17.53 9.35 -6.39
C THR B 100 -16.27 10.01 -5.76
N GLU B 101 -16.06 11.30 -6.07
CA GLU B 101 -14.93 12.02 -5.50
C GLU B 101 -15.04 12.01 -3.98
N ALA B 102 -16.25 12.15 -3.45
CA ALA B 102 -16.44 12.20 -2.00
C ALA B 102 -16.03 10.92 -1.28
N ASN B 103 -16.12 9.80 -2.00
CA ASN B 103 -15.74 8.52 -1.45
C ASN B 103 -14.38 8.02 -1.95
N ALA B 104 -13.65 8.83 -2.63
CA ALA B 104 -12.43 8.35 -3.23
C ALA B 104 -11.40 7.96 -2.17
N TRP B 105 -11.42 8.61 -1.00
CA TRP B 105 -10.48 8.31 0.02
C TRP B 105 -10.53 6.86 0.42
N LYS B 106 -11.68 6.19 0.24
CA LYS B 106 -11.92 4.81 0.58
C LYS B 106 -12.09 3.87 -0.65
N SER B 107 -11.51 4.31 -1.73
CA SER B 107 -11.61 3.55 -2.97
C SER B 107 -10.70 2.32 -3.06
N THR B 108 -9.61 2.26 -2.30
CA THR B 108 -8.58 1.28 -2.55
C THR B 108 -8.25 0.42 -1.38
N LEU B 109 -8.43 -0.89 -1.51
CA LEU B 109 -8.01 -1.87 -0.55
C LEU B 109 -6.63 -2.33 -0.93
N VAL B 110 -5.84 -2.75 0.08
CA VAL B 110 -4.51 -3.34 -0.11
C VAL B 110 -4.45 -4.66 0.60
N GLY B 111 -3.72 -5.63 0.02
CA GLY B 111 -3.52 -6.91 0.70
C GLY B 111 -2.40 -7.64 -0.02
N HIS B 112 -2.35 -8.92 0.30
CA HIS B 112 -1.29 -9.78 -0.17
C HIS B 112 -1.82 -11.16 -0.49
N ASP B 113 -1.29 -11.77 -1.54
N ASP B 113 -1.25 -11.78 -1.53
CA ASP B 113 -1.69 -13.14 -1.89
CA ASP B 113 -1.68 -13.11 -1.98
C ASP B 113 -0.41 -13.91 -2.27
C ASP B 113 -0.40 -13.91 -2.28
N THR B 114 -0.35 -15.17 -1.83
CA THR B 114 0.70 -16.08 -2.22
C THR B 114 0.10 -17.21 -3.02
N PHE B 115 0.69 -17.48 -4.17
CA PHE B 115 0.16 -18.50 -5.10
C PHE B 115 1.18 -19.65 -5.15
N THR B 116 0.64 -20.87 -5.24
CA THR B 116 1.40 -22.10 -5.33
C THR B 116 0.91 -22.92 -6.49
N LYS B 117 1.73 -23.86 -6.94
CA LYS B 117 1.39 -24.76 -8.02
C LYS B 117 0.55 -25.93 -7.58
N VAL B 118 0.43 -26.18 -6.28
CA VAL B 118 -0.36 -27.27 -5.76
C VAL B 118 -1.57 -26.58 -5.03
N LYS B 119 -2.78 -27.15 -5.08
CA LYS B 119 -3.93 -26.58 -4.32
C LYS B 119 -3.65 -26.57 -2.80
N PRO B 120 -4.00 -25.46 -2.10
CA PRO B 120 -3.54 -25.35 -0.71
C PRO B 120 -4.19 -26.38 0.21
N GLY C 1 -12.77 8.15 -23.49
CA GLY C 1 -12.22 8.94 -22.40
C GLY C 1 -10.85 8.46 -22.00
N ILE C 2 -10.70 7.17 -21.72
CA ILE C 2 -9.35 6.66 -21.28
C ILE C 2 -8.30 6.71 -22.40
N THR C 3 -8.71 6.38 -23.61
CA THR C 3 -7.74 6.37 -24.68
C THR C 3 -7.10 7.74 -24.85
N GLY C 4 -5.79 7.79 -24.91
CA GLY C 4 -5.06 9.09 -25.09
C GLY C 4 -3.66 9.04 -24.51
N THR C 5 -3.05 10.23 -24.47
CA THR C 5 -1.73 10.40 -23.94
C THR C 5 -1.90 11.14 -22.64
N TRP C 6 -1.47 10.51 -21.56
CA TRP C 6 -1.54 11.00 -20.19
C TRP C 6 -0.16 11.28 -19.65
N TYR C 7 -0.11 12.21 -18.71
CA TYR C 7 1.12 12.56 -18.05
C TYR C 7 0.93 12.55 -16.56
N ASN C 8 1.85 11.93 -15.85
CA ASN C 8 1.76 11.99 -14.38
C ASN C 8 2.43 13.22 -13.82
N GLN C 9 2.45 13.32 -12.50
CA GLN C 9 2.81 14.55 -11.83
C GLN C 9 4.29 14.77 -11.92
N LEU C 10 5.04 13.73 -12.30
CA LEU C 10 6.46 13.77 -12.44
C LEU C 10 6.85 13.88 -13.93
N GLY C 11 5.85 13.93 -14.84
CA GLY C 11 6.10 14.10 -16.28
C GLY C 11 6.30 12.81 -17.11
N SER C 12 6.22 11.65 -16.49
CA SER C 12 6.17 10.35 -17.22
C SER C 12 5.00 10.41 -18.24
N THR C 13 5.18 9.77 -19.38
CA THR C 13 4.21 9.75 -20.44
C THR C 13 3.60 8.34 -20.65
N PHE C 14 2.27 8.27 -20.55
CA PHE C 14 1.43 7.04 -20.58
C PHE C 14 0.54 7.17 -21.78
N ILE C 15 0.88 6.41 -22.81
CA ILE C 15 0.18 6.43 -24.06
C ILE C 15 -0.67 5.17 -24.07
N VAL C 16 -1.98 5.32 -24.00
CA VAL C 16 -2.89 4.22 -23.77
C VAL C 16 -4.03 4.16 -24.73
N THR C 17 -4.42 2.94 -25.03
CA THR C 17 -5.61 2.67 -25.82
C THR C 17 -6.51 1.73 -25.02
N ALA C 18 -7.78 2.12 -24.91
CA ALA C 18 -8.82 1.36 -24.18
C ALA C 18 -9.71 0.63 -25.16
N GLY C 19 -9.59 -0.69 -25.24
CA GLY C 19 -10.21 -1.44 -26.28
C GLY C 19 -11.60 -1.79 -25.88
N ALA C 20 -12.40 -2.19 -26.84
CA ALA C 20 -13.76 -2.49 -26.52
C ALA C 20 -13.97 -3.68 -25.55
N ASP C 21 -12.99 -4.60 -25.53
CA ASP C 21 -12.98 -5.78 -24.70
C ASP C 21 -12.55 -5.56 -23.23
N GLY C 22 -12.34 -4.32 -22.77
CA GLY C 22 -11.74 -4.10 -21.45
C GLY C 22 -10.23 -4.01 -21.45
N ALA C 23 -9.54 -4.13 -22.59
CA ALA C 23 -8.08 -4.11 -22.62
C ALA C 23 -7.52 -2.69 -22.55
N LEU C 24 -6.39 -2.56 -21.87
CA LEU C 24 -5.53 -1.43 -21.94
C LEU C 24 -4.23 -1.87 -22.55
N THR C 25 -3.72 -1.13 -23.55
N THR C 25 -3.80 -1.18 -23.61
CA THR C 25 -2.44 -1.42 -24.19
CA THR C 25 -2.55 -1.48 -24.29
C THR C 25 -1.79 -0.10 -24.47
C THR C 25 -1.82 -0.15 -24.59
N GLY C 26 -0.50 -0.14 -24.53
CA GLY C 26 0.27 1.04 -24.89
C GLY C 26 1.72 1.02 -24.38
N THR C 27 2.24 2.21 -24.12
CA THR C 27 3.62 2.40 -23.68
C THR C 27 3.65 3.40 -22.57
N TYR C 28 4.71 3.26 -21.82
CA TYR C 28 5.02 4.14 -20.74
C TYR C 28 6.43 4.57 -20.88
N GLU C 29 6.68 5.88 -20.78
CA GLU C 29 8.04 6.42 -20.89
C GLU C 29 8.35 7.60 -20.01
N SER C 30 9.62 8.07 -20.05
CA SER C 30 10.05 9.29 -19.33
C SER C 30 10.08 10.57 -20.20
N ALA C 31 10.14 11.72 -19.55
CA ALA C 31 10.01 13.02 -20.22
C ALA C 31 10.97 13.25 -21.38
N VAL C 32 12.23 12.84 -21.20
CA VAL C 32 13.32 13.04 -22.20
C VAL C 32 13.02 12.49 -23.60
N GLY C 33 12.29 11.37 -23.56
CA GLY C 33 11.54 10.80 -24.66
C GLY C 33 12.31 9.88 -25.56
N ASN C 34 13.41 9.33 -25.07
CA ASN C 34 14.24 8.41 -25.82
C ASN C 34 13.64 7.00 -25.86
N ALA C 35 13.93 6.27 -26.94
CA ALA C 35 13.54 4.83 -27.12
C ALA C 35 13.96 3.95 -25.93
N GLU C 36 15.15 4.16 -25.40
CA GLU C 36 15.70 3.40 -24.29
C GLU C 36 14.87 3.62 -23.01
N SER C 37 14.05 4.67 -22.94
CA SER C 37 13.22 4.98 -21.79
C SER C 37 11.74 4.50 -21.93
N ARG C 38 11.43 3.85 -23.03
CA ARG C 38 10.06 3.46 -23.37
C ARG C 38 9.78 1.94 -23.16
N TYR C 39 8.63 1.62 -22.50
CA TYR C 39 8.34 0.23 -22.13
C TYR C 39 6.85 -0.10 -22.43
N VAL C 40 6.60 -1.37 -22.68
CA VAL C 40 5.26 -1.86 -22.98
C VAL C 40 4.40 -1.83 -21.70
N LEU C 41 3.16 -1.46 -21.84
CA LEU C 41 2.17 -1.63 -20.78
C LEU C 41 0.97 -2.38 -21.24
N THR C 42 0.38 -3.13 -20.31
N THR C 42 0.37 -3.13 -20.31
CA THR C 42 -0.88 -3.81 -20.53
CA THR C 42 -0.91 -3.78 -20.54
C THR C 42 -1.66 -3.76 -19.29
C THR C 42 -1.66 -3.77 -19.29
N GLY C 43 -2.98 -3.73 -19.46
CA GLY C 43 -3.89 -3.75 -18.30
C GLY C 43 -5.32 -3.93 -18.71
N ARG C 44 -6.21 -3.61 -17.76
CA ARG C 44 -7.65 -3.83 -17.89
C ARG C 44 -8.41 -2.65 -17.31
N TYR C 45 -9.60 -2.42 -17.84
CA TYR C 45 -10.46 -1.36 -17.30
C TYR C 45 -11.88 -1.87 -17.31
N ASP C 46 -12.75 -1.27 -16.49
CA ASP C 46 -14.19 -1.58 -16.49
C ASP C 46 -14.82 -0.87 -17.72
N SER C 47 -15.21 -1.70 -18.70
CA SER C 47 -15.76 -1.19 -19.93
C SER C 47 -17.22 -0.81 -19.86
N ALA C 48 -17.84 -1.00 -18.71
CA ALA C 48 -19.22 -0.65 -18.50
C ALA C 48 -19.45 -0.09 -17.08
N PRO C 49 -18.89 1.11 -16.83
CA PRO C 49 -18.94 1.67 -15.51
C PRO C 49 -20.34 1.99 -15.05
N ALA C 50 -20.47 2.21 -13.76
CA ALA C 50 -21.71 2.72 -13.21
C ALA C 50 -22.05 4.06 -13.82
N THR C 51 -23.36 4.37 -13.74
CA THR C 51 -23.99 5.60 -14.30
C THR C 51 -24.46 6.48 -13.16
N ASP C 52 -23.78 6.42 -12.02
CA ASP C 52 -24.22 7.15 -10.80
C ASP C 52 -23.23 8.23 -10.40
N GLY C 53 -22.28 8.58 -11.28
CA GLY C 53 -21.23 9.56 -10.95
C GLY C 53 -19.91 9.01 -10.47
N SER C 54 -19.82 7.67 -10.34
CA SER C 54 -18.58 6.99 -9.94
C SER C 54 -17.56 7.00 -11.09
N GLY C 55 -16.29 6.92 -10.74
CA GLY C 55 -15.22 6.77 -11.69
C GLY C 55 -15.20 5.32 -12.30
N THR C 56 -14.26 5.17 -13.20
CA THR C 56 -14.11 3.91 -13.93
C THR C 56 -12.84 3.23 -13.46
N ALA C 57 -13.04 2.05 -12.83
CA ALA C 57 -11.86 1.31 -12.30
C ALA C 57 -10.96 0.79 -13.40
N LEU C 58 -9.65 0.74 -13.12
CA LEU C 58 -8.67 0.32 -14.09
C LEU C 58 -7.37 -0.07 -13.40
N GLY C 59 -6.51 -0.74 -14.14
CA GLY C 59 -5.17 -0.99 -13.67
C GLY C 59 -4.29 -1.36 -14.85
N TRP C 60 -2.99 -1.20 -14.67
CA TRP C 60 -2.02 -1.67 -15.70
C TRP C 60 -0.69 -1.97 -15.08
N THR C 61 0.15 -2.71 -15.85
CA THR C 61 1.47 -3.13 -15.45
C THR C 61 2.49 -2.72 -16.46
N VAL C 62 3.67 -2.31 -16.01
CA VAL C 62 4.88 -2.17 -16.83
C VAL C 62 5.97 -3.01 -16.14
N ALA C 63 6.54 -3.95 -16.88
CA ALA C 63 7.77 -4.60 -16.47
C ALA C 63 8.93 -3.81 -17.07
N TRP C 64 9.92 -3.47 -16.23
CA TRP C 64 10.96 -2.53 -16.58
C TRP C 64 12.12 -3.16 -17.37
N LYS C 65 11.74 -3.88 -18.42
CA LYS C 65 12.63 -4.47 -19.41
C LYS C 65 12.20 -3.97 -20.75
N ASN C 66 13.19 -3.52 -21.54
CA ASN C 66 12.98 -3.27 -22.95
C ASN C 66 14.19 -3.74 -23.70
N ASN C 67 14.37 -3.31 -24.95
CA ASN C 67 15.44 -3.90 -25.76
C ASN C 67 16.84 -3.38 -25.34
N TYR C 68 16.82 -2.31 -24.51
CA TYR C 68 17.98 -1.58 -24.02
C TYR C 68 18.40 -1.75 -22.56
N ARG C 69 17.45 -1.98 -21.67
CA ARG C 69 17.70 -1.90 -20.21
C ARG C 69 16.83 -2.92 -19.52
N ASN C 70 17.30 -3.44 -18.41
CA ASN C 70 16.44 -4.31 -17.59
C ASN C 70 16.73 -4.07 -16.11
N ALA C 71 15.73 -3.58 -15.39
CA ALA C 71 15.82 -3.29 -13.98
C ALA C 71 15.36 -4.44 -13.08
N HIS C 72 14.87 -5.54 -13.68
CA HIS C 72 14.40 -6.69 -12.96
C HIS C 72 13.36 -6.22 -11.92
N SER C 73 12.30 -5.60 -12.44
N SER C 73 12.31 -5.59 -12.44
CA SER C 73 11.29 -4.98 -11.60
CA SER C 73 11.31 -4.92 -11.62
C SER C 73 10.06 -4.73 -12.43
C SER C 73 10.06 -4.76 -12.43
N ALA C 74 8.93 -4.51 -11.75
CA ALA C 74 7.66 -4.21 -12.41
C ALA C 74 6.84 -3.32 -11.56
N THR C 75 6.10 -2.41 -12.19
CA THR C 75 5.16 -1.55 -11.46
C THR C 75 3.73 -1.89 -11.94
N THR C 76 2.78 -1.92 -10.97
CA THR C 76 1.40 -1.93 -11.23
C THR C 76 0.76 -0.65 -10.71
N TRP C 77 -0.14 -0.09 -11.52
CA TRP C 77 -0.94 1.06 -11.13
C TRP C 77 -2.38 0.60 -11.03
N SER C 78 -3.05 0.88 -9.90
CA SER C 78 -4.44 0.57 -9.71
C SER C 78 -5.17 1.85 -9.43
N GLY C 79 -6.29 2.11 -10.09
CA GLY C 79 -6.96 3.40 -9.87
C GLY C 79 -8.28 3.54 -10.56
N GLN C 80 -8.64 4.81 -10.80
CA GLN C 80 -9.85 5.09 -11.47
C GLN C 80 -9.73 6.31 -12.32
N TYR C 81 -10.44 6.23 -13.46
CA TYR C 81 -10.63 7.38 -14.37
C TYR C 81 -11.85 8.17 -13.94
N VAL C 82 -11.65 9.48 -13.87
CA VAL C 82 -12.65 10.44 -13.43
C VAL C 82 -12.85 11.38 -14.66
N GLY C 83 -13.98 11.26 -15.32
CA GLY C 83 -14.27 12.08 -16.47
C GLY C 83 -14.67 13.52 -16.12
N GLY C 84 -14.98 14.31 -17.13
CA GLY C 84 -15.52 15.66 -16.91
C GLY C 84 -14.67 16.68 -17.59
N ALA C 85 -14.88 17.94 -17.23
CA ALA C 85 -14.16 19.05 -17.84
C ALA C 85 -12.69 18.69 -17.99
N GLU C 86 -11.95 18.58 -16.89
CA GLU C 86 -10.58 18.06 -16.97
C GLU C 86 -10.55 16.56 -16.45
N ALA C 87 -10.44 15.68 -17.40
CA ALA C 87 -10.38 14.24 -17.07
C ALA C 87 -9.07 13.91 -16.30
N ARG C 88 -9.13 12.90 -15.42
CA ARG C 88 -7.99 12.59 -14.57
C ARG C 88 -7.99 11.09 -14.34
N ILE C 89 -6.78 10.49 -14.20
CA ILE C 89 -6.67 9.12 -13.67
C ILE C 89 -5.91 9.24 -12.36
N ASN C 90 -6.59 8.80 -11.29
CA ASN C 90 -5.96 8.76 -9.98
C ASN C 90 -5.55 7.33 -9.61
N THR C 91 -4.28 7.14 -9.29
CA THR C 91 -3.75 5.79 -8.97
C THR C 91 -2.92 5.70 -7.73
N GLN C 92 -2.79 4.48 -7.28
N GLN C 92 -2.88 4.46 -7.24
CA GLN C 92 -1.78 4.10 -6.37
CA GLN C 92 -1.95 3.91 -6.26
C GLN C 92 -1.03 3.00 -7.10
C GLN C 92 -1.09 2.87 -7.01
N TRP C 93 0.22 2.84 -6.74
CA TRP C 93 1.12 1.90 -7.45
C TRP C 93 1.99 1.15 -6.53
N LEU C 94 2.38 -0.06 -7.01
CA LEU C 94 3.29 -0.95 -6.34
C LEU C 94 4.41 -1.30 -7.28
N LEU C 95 5.66 -1.13 -6.85
N LEU C 95 5.66 -1.10 -6.87
CA LEU C 95 6.85 -1.43 -7.68
CA LEU C 95 6.84 -1.43 -7.69
C LEU C 95 7.59 -2.53 -6.99
C LEU C 95 7.56 -2.54 -6.99
N THR C 96 7.55 -3.76 -7.57
CA THR C 96 8.26 -4.89 -7.00
C THR C 96 9.54 -5.13 -7.78
N SER C 97 10.67 -5.24 -7.07
CA SER C 97 11.89 -5.70 -7.66
C SER C 97 12.14 -7.16 -7.33
N GLY C 98 12.73 -7.92 -8.27
CA GLY C 98 13.25 -9.22 -7.92
C GLY C 98 14.28 -9.17 -6.79
N THR C 99 14.06 -10.01 -5.80
CA THR C 99 14.97 -10.06 -4.66
C THR C 99 15.25 -11.51 -4.35
N THR C 100 16.27 -11.72 -3.53
CA THR C 100 16.45 -12.98 -2.86
C THR C 100 15.39 -13.10 -1.79
N GLU C 101 15.16 -14.30 -1.26
CA GLU C 101 14.18 -14.48 -0.26
C GLU C 101 14.53 -13.65 0.99
N ALA C 102 15.82 -13.58 1.31
CA ALA C 102 16.26 -12.86 2.51
C ALA C 102 15.92 -11.37 2.48
N ASN C 103 15.85 -10.84 1.25
CA ASN C 103 15.52 -9.46 1.00
C ASN C 103 14.11 -9.14 0.56
N ALA C 104 13.27 -10.14 0.57
CA ALA C 104 11.96 -9.99 0.01
C ALA C 104 11.12 -8.98 0.78
N TRP C 105 11.39 -8.79 2.05
CA TRP C 105 10.70 -7.85 2.88
C TRP C 105 10.84 -6.41 2.33
N LYS C 106 11.93 -6.13 1.58
CA LYS C 106 12.19 -4.83 1.03
C LYS C 106 12.04 -4.80 -0.49
N SER C 107 11.25 -5.71 -1.04
CA SER C 107 11.07 -5.77 -2.49
C SER C 107 10.15 -4.73 -3.10
N THR C 108 9.25 -4.14 -2.32
CA THR C 108 8.13 -3.43 -2.91
C THR C 108 7.97 -2.01 -2.43
N LEU C 109 8.07 -1.06 -3.36
CA LEU C 109 7.76 0.33 -3.12
C LEU C 109 6.30 0.60 -3.36
N VAL C 110 5.74 1.61 -2.68
CA VAL C 110 4.35 2.02 -2.92
C VAL C 110 4.33 3.55 -3.10
N GLY C 111 3.43 4.01 -3.92
CA GLY C 111 3.23 5.45 -4.10
C GLY C 111 1.92 5.70 -4.79
N HIS C 112 1.78 6.96 -5.21
CA HIS C 112 0.54 7.41 -5.84
C HIS C 112 0.84 8.36 -6.96
N ASP C 113 0.20 8.15 -8.13
CA ASP C 113 0.42 8.99 -9.31
C ASP C 113 -0.95 9.47 -9.76
N THR C 114 -1.03 10.76 -10.11
N THR C 114 -1.01 10.73 -10.19
CA THR C 114 -2.19 11.30 -10.79
CA THR C 114 -2.22 11.29 -10.79
C THR C 114 -1.81 11.71 -12.21
C THR C 114 -1.84 11.75 -12.19
N PHE C 115 -2.71 11.39 -13.14
CA PHE C 115 -2.49 11.63 -14.56
C PHE C 115 -3.52 12.57 -15.11
N THR C 116 -3.03 13.48 -15.94
CA THR C 116 -3.96 14.30 -16.74
C THR C 116 -3.51 14.29 -18.20
N LYS C 117 -4.35 14.85 -19.09
CA LYS C 117 -3.91 14.92 -20.50
C LYS C 117 -3.06 16.18 -20.77
N VAL C 118 -2.70 16.92 -19.73
CA VAL C 118 -1.74 18.03 -19.83
C VAL C 118 -0.43 17.70 -18.99
N LYS C 119 0.66 18.27 -19.46
CA LYS C 119 1.92 18.25 -18.69
C LYS C 119 1.85 19.01 -17.36
N PRO C 120 2.55 18.50 -16.34
CA PRO C 120 2.56 19.24 -15.07
C PRO C 120 3.16 20.65 -15.19
N GLY D 1 10.14 21.88 13.65
CA GLY D 1 8.96 22.50 12.97
C GLY D 1 7.71 21.66 12.86
N ILE D 2 7.67 20.54 13.58
CA ILE D 2 6.55 19.65 13.47
C ILE D 2 5.43 20.02 14.47
N THR D 3 5.80 20.47 15.66
CA THR D 3 4.81 20.79 16.63
C THR D 3 3.84 21.89 16.08
N GLY D 4 2.59 21.69 16.35
CA GLY D 4 1.55 22.57 15.96
C GLY D 4 0.37 21.93 15.29
N THR D 5 -0.41 22.73 14.57
CA THR D 5 -1.65 22.28 13.94
C THR D 5 -1.41 22.12 12.44
N TRP D 6 -1.87 20.97 11.92
CA TRP D 6 -1.73 20.66 10.51
C TRP D 6 -3.09 20.34 9.94
N TYR D 7 -3.26 20.61 8.66
CA TYR D 7 -4.51 20.41 8.00
C TYR D 7 -4.31 19.57 6.77
N ASN D 8 -5.21 18.60 6.54
CA ASN D 8 -5.11 17.82 5.31
C ASN D 8 -5.94 18.42 4.24
N GLN D 9 -5.96 17.66 3.12
CA GLN D 9 -6.60 18.08 1.90
C GLN D 9 -8.14 18.04 1.95
N LEU D 10 -8.71 17.52 3.05
CA LEU D 10 -10.12 17.12 3.16
C LEU D 10 -10.83 17.61 4.45
N GLY D 11 -10.28 18.66 5.09
CA GLY D 11 -10.89 19.26 6.26
C GLY D 11 -10.70 18.50 7.57
N SER D 12 -9.61 17.78 7.69
CA SER D 12 -9.26 17.16 8.97
C SER D 12 -8.06 17.91 9.51
N THR D 13 -7.93 17.85 10.83
CA THR D 13 -6.94 18.62 11.56
C THR D 13 -6.22 17.74 12.51
N PHE D 14 -4.87 17.86 12.50
N PHE D 14 -4.93 17.95 12.60
CA PHE D 14 -3.86 16.98 13.19
CA PHE D 14 -4.33 17.44 13.78
C PHE D 14 -3.06 17.84 14.22
C PHE D 14 -3.43 18.40 14.45
N ILE D 15 -3.34 17.78 15.55
N ILE D 15 -3.40 18.30 15.79
CA ILE D 15 -2.68 18.76 16.47
CA ILE D 15 -2.51 19.11 16.60
C ILE D 15 -1.65 17.96 17.19
C ILE D 15 -1.64 18.07 17.22
N VAL D 16 -0.37 18.31 17.06
CA VAL D 16 0.70 17.45 17.55
C VAL D 16 1.75 18.22 18.33
N THR D 17 2.35 17.54 19.30
CA THR D 17 3.58 17.97 19.91
C THR D 17 4.66 16.93 19.60
N ALA D 18 5.75 17.44 19.05
CA ALA D 18 6.94 16.67 18.79
C ALA D 18 7.90 16.83 19.93
N GLY D 19 7.97 15.85 20.82
CA GLY D 19 8.78 15.90 22.01
C GLY D 19 10.26 15.66 21.71
N ALA D 20 11.06 16.08 22.68
CA ALA D 20 12.49 15.99 22.56
C ALA D 20 12.91 14.53 22.47
N ASP D 21 12.10 13.61 23.07
CA ASP D 21 12.36 12.18 23.07
C ASP D 21 11.98 11.45 21.73
N GLY D 22 11.59 12.18 20.63
CA GLY D 22 11.13 11.55 19.39
C GLY D 22 9.68 11.20 19.40
N ALA D 23 8.93 11.55 20.47
CA ALA D 23 7.51 11.26 20.53
C ALA D 23 6.69 12.25 19.74
N LEU D 24 5.61 11.73 19.17
CA LEU D 24 4.50 12.56 18.67
C LEU D 24 3.27 12.25 19.54
N THR D 25 2.63 13.30 20.08
N THR D 25 2.61 13.32 19.98
CA THR D 25 1.43 13.13 20.88
CA THR D 25 1.50 13.21 20.83
C THR D 25 0.46 14.27 20.57
C THR D 25 0.48 14.25 20.37
N GLY D 26 -0.80 13.93 20.46
CA GLY D 26 -1.82 14.93 20.22
C GLY D 26 -3.16 14.35 19.90
N THR D 27 -3.88 15.09 19.06
CA THR D 27 -5.25 14.76 18.73
C THR D 27 -5.47 14.89 17.22
N TYR D 28 -6.38 14.09 16.72
CA TYR D 28 -6.83 14.16 15.34
C TYR D 28 -8.31 14.44 15.37
N GLU D 29 -8.76 15.44 14.58
CA GLU D 29 -10.17 15.81 14.58
C GLU D 29 -10.66 16.27 13.21
N SER D 30 -11.96 16.64 13.18
CA SER D 30 -12.60 17.25 11.99
C SER D 30 -12.33 18.80 11.93
N ALA D 31 -12.54 19.37 10.75
CA ALA D 31 -12.48 20.82 10.52
C ALA D 31 -13.42 21.51 11.44
N VAL D 32 -14.58 20.87 11.60
CA VAL D 32 -15.65 21.28 12.52
C VAL D 32 -15.09 21.43 13.93
N GLY D 33 -14.39 20.38 14.35
CA GLY D 33 -13.63 20.41 15.58
C GLY D 33 -14.46 20.12 16.81
N ASN D 34 -15.54 19.36 16.64
CA ASN D 34 -16.41 18.99 17.76
C ASN D 34 -15.85 17.75 18.50
N ALA D 35 -16.19 17.64 19.78
CA ALA D 35 -15.74 16.57 20.70
C ALA D 35 -15.84 15.17 20.14
N GLU D 36 -16.93 14.93 19.39
CA GLU D 36 -17.27 13.61 18.95
C GLU D 36 -16.35 13.22 17.80
N SER D 37 -15.67 14.24 17.25
CA SER D 37 -14.80 14.06 16.05
C SER D 37 -13.32 13.97 16.40
N ARG D 38 -13.02 13.98 17.71
CA ARG D 38 -11.63 14.07 18.24
C ARG D 38 -11.18 12.74 18.80
N TYR D 39 -9.94 12.36 18.39
CA TYR D 39 -9.35 11.06 18.79
C TYR D 39 -7.89 11.29 19.16
N VAL D 40 -7.44 10.44 20.04
CA VAL D 40 -6.04 10.49 20.49
C VAL D 40 -5.11 10.04 19.35
N LEU D 41 -3.99 10.71 19.19
CA LEU D 41 -2.94 10.19 18.34
C LEU D 41 -1.60 10.12 19.00
N THR D 42 -0.83 9.11 18.59
CA THR D 42 0.49 8.93 19.10
C THR D 42 1.38 8.40 18.01
N GLY D 43 2.63 8.79 18.00
CA GLY D 43 3.57 8.30 17.01
C GLY D 43 4.99 8.67 17.35
N ARG D 44 5.84 8.64 16.34
CA ARG D 44 7.27 8.80 16.50
C ARG D 44 7.82 9.57 15.33
N TYR D 45 8.93 10.30 15.52
CA TYR D 45 9.61 10.96 14.45
C TYR D 45 11.11 10.87 14.67
N ASP D 46 11.84 11.02 13.60
CA ASP D 46 13.28 11.09 13.69
C ASP D 46 13.75 12.47 14.25
N SER D 47 14.23 12.45 15.47
CA SER D 47 14.65 13.68 16.18
C SER D 47 16.04 14.14 15.84
N ALA D 48 16.75 13.42 14.98
CA ALA D 48 18.06 13.82 14.51
C ALA D 48 18.14 13.58 12.99
N PRO D 49 17.32 14.28 12.21
CA PRO D 49 17.29 13.95 10.76
C PRO D 49 18.62 14.31 10.07
N ALA D 50 18.79 13.79 8.87
CA ALA D 50 19.96 14.12 8.03
C ALA D 50 19.92 15.60 7.72
N THR D 51 21.10 16.10 7.41
CA THR D 51 21.23 17.53 7.16
C THR D 51 21.58 17.77 5.64
N ASP D 52 21.25 16.76 4.83
CA ASP D 52 21.57 16.85 3.39
C ASP D 52 20.40 17.33 2.50
N GLY D 53 19.37 17.91 3.10
CA GLY D 53 18.21 18.30 2.35
C GLY D 53 17.07 17.28 2.40
N SER D 54 17.29 16.13 3.01
CA SER D 54 16.24 15.09 3.15
C SER D 54 15.15 15.50 4.11
N GLY D 55 13.94 14.97 3.93
CA GLY D 55 12.86 15.14 4.88
C GLY D 55 13.09 14.38 6.16
N THR D 56 12.22 14.62 7.15
CA THR D 56 12.23 14.02 8.45
C THR D 56 11.14 12.91 8.48
N ALA D 57 11.61 11.68 8.63
CA ALA D 57 10.68 10.54 8.69
C ALA D 57 9.84 10.56 9.98
N LEU D 58 8.55 10.21 9.85
CA LEU D 58 7.68 10.16 10.99
C LEU D 58 6.53 9.23 10.69
N GLY D 59 5.80 8.89 11.74
CA GLY D 59 4.54 8.18 11.60
C GLY D 59 3.71 8.32 12.82
N TRP D 60 2.40 8.08 12.69
CA TRP D 60 1.53 8.05 13.85
C TRP D 60 0.29 7.21 13.61
N THR D 61 -0.38 6.90 14.69
CA THR D 61 -1.58 6.09 14.69
C THR D 61 -2.76 6.80 15.37
N VAL D 62 -3.95 6.64 14.80
CA VAL D 62 -5.20 6.94 15.48
C VAL D 62 -6.05 5.68 15.44
N ALA D 63 -6.46 5.20 16.62
CA ALA D 63 -7.55 4.25 16.68
C ALA D 63 -8.86 5.01 16.76
N TRP D 64 -9.82 4.63 15.94
CA TRP D 64 -11.02 5.39 15.78
C TRP D 64 -12.13 5.08 16.84
N LYS D 65 -11.69 5.10 18.09
CA LYS D 65 -12.53 5.00 19.30
C LYS D 65 -12.30 6.24 20.15
N ASN D 66 -13.39 6.89 20.56
CA ASN D 66 -13.32 7.93 21.58
C ASN D 66 -14.47 7.66 22.54
N ASN D 67 -14.75 8.67 23.38
CA ASN D 67 -15.80 8.46 24.31
C ASN D 67 -17.23 8.40 23.72
N TYR D 68 -17.37 8.69 22.44
CA TYR D 68 -18.67 8.90 21.80
C TYR D 68 -18.96 7.90 20.75
N ARG D 69 -17.91 7.29 20.17
N ARG D 69 -17.92 7.36 20.11
CA ARG D 69 -17.96 6.60 18.88
CA ARG D 69 -18.11 6.42 18.99
C ARG D 69 -16.88 5.49 18.86
C ARG D 69 -16.92 5.47 18.88
N ASN D 70 -17.13 4.38 18.16
CA ASN D 70 -16.10 3.36 17.94
C ASN D 70 -16.30 2.65 16.62
N ALA D 71 -15.46 3.00 15.64
CA ALA D 71 -15.46 2.42 14.32
C ALA D 71 -14.74 1.08 14.18
N HIS D 72 -14.09 0.64 15.25
CA HIS D 72 -13.39 -0.63 15.30
C HIS D 72 -12.38 -0.69 14.18
N SER D 73 -11.51 0.34 14.15
CA SER D 73 -10.54 0.47 13.11
C SER D 73 -9.43 1.39 13.59
N ALA D 74 -8.33 1.40 12.87
CA ALA D 74 -7.20 2.29 13.18
C ALA D 74 -6.51 2.66 11.89
N THR D 75 -6.08 3.94 11.80
CA THR D 75 -5.27 4.42 10.70
C THR D 75 -3.84 4.64 11.19
N THR D 76 -2.84 4.23 10.38
CA THR D 76 -1.46 4.63 10.51
C THR D 76 -1.05 5.50 9.35
N TRP D 77 -0.42 6.63 9.60
CA TRP D 77 0.21 7.49 8.61
C TRP D 77 1.68 7.38 8.71
N SER D 78 2.34 7.11 7.57
CA SER D 78 3.80 7.00 7.47
C SER D 78 4.27 7.99 6.48
N GLY D 79 5.26 8.83 6.79
CA GLY D 79 5.56 9.87 5.86
C GLY D 79 6.84 10.61 6.20
N GLN D 80 6.92 11.82 5.69
CA GLN D 80 8.07 12.70 5.99
C GLN D 80 7.61 14.14 6.01
N TYR D 81 8.22 14.84 6.96
CA TYR D 81 8.08 16.30 7.11
C TYR D 81 9.12 16.98 6.23
N VAL D 82 8.68 17.95 5.43
CA VAL D 82 9.53 18.73 4.50
C VAL D 82 9.37 20.16 4.99
N GLY D 83 10.47 20.70 5.47
CA GLY D 83 10.46 22.06 6.04
C GLY D 83 10.50 23.17 4.99
N GLY D 84 10.34 24.42 5.45
CA GLY D 84 10.17 25.63 4.58
C GLY D 84 8.99 26.57 5.02
N ALA D 85 8.85 27.65 4.15
CA ALA D 85 7.76 28.49 4.33
C ALA D 85 6.48 27.83 3.94
N GLU D 86 6.63 26.74 3.19
CA GLU D 86 5.57 26.00 2.65
C GLU D 86 5.86 24.61 3.20
N ALA D 87 5.95 24.52 4.52
CA ALA D 87 6.16 23.26 5.19
C ALA D 87 5.03 22.25 4.83
N ARG D 88 5.37 20.96 4.75
CA ARG D 88 4.40 19.94 4.40
C ARG D 88 4.75 18.67 5.18
N ILE D 89 3.72 17.89 5.48
CA ILE D 89 3.91 16.52 5.89
C ILE D 89 3.24 15.67 4.79
N ASN D 90 4.03 14.90 4.05
CA ASN D 90 3.54 14.03 2.96
C ASN D 90 3.45 12.61 3.52
N THR D 91 2.27 12.01 3.48
CA THR D 91 2.03 10.70 4.03
C THR D 91 1.37 9.76 3.03
N GLN D 92 1.54 8.49 3.37
CA GLN D 92 0.72 7.39 2.90
C GLN D 92 0.14 6.75 4.15
N TRP D 93 -1.06 6.20 4.07
CA TRP D 93 -1.74 5.66 5.24
C TRP D 93 -2.35 4.29 4.95
N LEU D 94 -2.58 3.56 6.03
CA LEU D 94 -3.26 2.26 6.06
C LEU D 94 -4.34 2.30 7.11
N LEU D 95 -5.55 1.92 6.73
N LEU D 95 -5.58 2.05 6.71
CA LEU D 95 -6.67 1.98 7.67
CA LEU D 95 -6.71 1.97 7.66
C LEU D 95 -7.22 0.57 7.76
C LEU D 95 -7.20 0.55 7.76
N THR D 96 -6.93 -0.09 8.91
CA THR D 96 -7.35 -1.45 9.11
C THR D 96 -8.57 -1.50 9.99
N SER D 97 -9.61 -2.19 9.53
CA SER D 97 -10.80 -2.44 10.33
C SER D 97 -10.70 -3.85 10.96
N GLY D 98 -11.21 -4.00 12.19
CA GLY D 98 -11.31 -5.35 12.70
C GLY D 98 -12.37 -6.12 11.89
N THR D 99 -12.03 -7.31 11.53
CA THR D 99 -12.91 -8.18 10.68
C THR D 99 -12.82 -9.59 11.21
N THR D 100 -13.78 -10.44 10.72
CA THR D 100 -13.61 -11.88 10.90
C THR D 100 -12.57 -12.33 9.87
N GLU D 101 -12.05 -13.51 10.06
CA GLU D 101 -11.06 -14.02 9.16
C GLU D 101 -11.61 -14.12 7.71
N ALA D 102 -12.87 -14.51 7.53
CA ALA D 102 -13.48 -14.60 6.20
C ALA D 102 -13.44 -13.25 5.46
N ASN D 103 -13.41 -12.19 6.23
CA ASN D 103 -13.49 -10.84 5.63
C ASN D 103 -12.13 -10.07 5.74
N ALA D 104 -11.09 -10.79 6.18
CA ALA D 104 -9.82 -10.16 6.44
C ALA D 104 -9.21 -9.63 5.17
N TRP D 105 -9.46 -10.28 4.04
CA TRP D 105 -8.82 -9.90 2.81
C TRP D 105 -9.23 -8.46 2.48
N LYS D 106 -10.40 -7.96 2.96
CA LYS D 106 -10.93 -6.66 2.78
C LYS D 106 -10.81 -5.69 4.02
N SER D 107 -9.91 -6.03 4.90
CA SER D 107 -9.77 -5.24 6.16
C SER D 107 -9.07 -3.90 5.98
N THR D 108 -8.27 -3.69 4.92
CA THR D 108 -7.31 -2.61 4.93
C THR D 108 -7.42 -1.73 3.73
N LEU D 109 -7.71 -0.43 3.95
CA LEU D 109 -7.67 0.56 2.94
C LEU D 109 -6.29 1.23 2.92
N VAL D 110 -5.88 1.73 1.76
CA VAL D 110 -4.68 2.49 1.60
C VAL D 110 -4.98 3.79 0.92
N GLY D 111 -4.24 4.82 1.27
CA GLY D 111 -4.35 6.09 0.62
C GLY D 111 -3.21 7.01 0.97
N HIS D 112 -3.38 8.29 0.65
CA HIS D 112 -2.33 9.27 0.89
C HIS D 112 -2.97 10.60 1.34
N ASP D 113 -2.29 11.31 2.26
N ASP D 113 -2.26 11.33 2.22
CA ASP D 113 -2.74 12.63 2.75
CA ASP D 113 -2.72 12.59 2.83
C ASP D 113 -1.50 13.54 2.71
C ASP D 113 -1.51 13.55 2.73
N THR D 114 -1.72 14.80 2.33
CA THR D 114 -0.74 15.84 2.48
C THR D 114 -1.27 16.92 3.46
N PHE D 115 -0.40 17.23 4.43
CA PHE D 115 -0.77 18.18 5.45
C PHE D 115 0.03 19.45 5.29
N THR D 116 -0.66 20.56 5.56
CA THR D 116 -0.05 21.91 5.56
C THR D 116 -0.39 22.64 6.88
N LYS D 117 0.33 23.72 7.18
N LYS D 117 0.33 23.73 7.15
CA LYS D 117 0.05 24.47 8.39
CA LYS D 117 0.11 24.55 8.32
C LYS D 117 -1.06 25.49 8.17
C LYS D 117 -1.04 25.50 8.16
N VAL D 118 -1.46 25.69 6.93
CA VAL D 118 -2.42 26.67 6.58
C VAL D 118 -3.78 26.13 6.49
N LYS D 119 -4.66 26.61 7.39
CA LYS D 119 -6.02 26.14 7.45
C LYS D 119 -6.60 26.48 6.12
N PRO D 120 -7.16 25.49 5.47
CA PRO D 120 -7.56 25.67 4.11
C PRO D 120 -9.00 26.15 4.05
#